data_6YTZ
#
_entry.id   6YTZ
#
_cell.length_a   68.545
_cell.length_b   68.645
_cell.length_c   145.398
_cell.angle_alpha   90.000
_cell.angle_beta   90.000
_cell.angle_gamma   90.000
#
_symmetry.space_group_name_H-M   'I 2 2 2'
#
loop_
_entity.id
_entity.type
_entity.pdbx_description
1 polymer 'Double Bond Reductase'
2 non-polymer 'NADP NICOTINAMIDE-ADENINE-DINUCLEOTIDE PHOSPHATE'
3 non-polymer (4S)-2-METHYL-2,4-PENTANEDIOL
4 non-polymer 1,2-ETHANEDIOL
5 non-polymer R-1,2-PROPANEDIOL
6 non-polymer 'SODIUM ION'
7 water water
#
_entity_poly.entity_id   1
_entity_poly.type   'polypeptide(L)'
_entity_poly.pdbx_seq_one_letter_code
;GLMAASTEGVISNKQVILKDYVTGFPKESDMQLTTATTKLKLPEGSKGVLVKNLYLSCDPYMRSRMTKREPGASYVDSFD
AGSPIVGYGVAKVLESGDPKFKKGDLIWGMTGWEEYSVITSTESLFKIQHIDVPLSYYTGILGMPGMTAYAGFYEICNPK
KGETVFVSAASGAVGQLVGQFAKLLGCYVVGSAGSKEKVDLLKNKFGFDNAFNYKEEPDLDAALKRYFPEGIDIYFENVG
GVMLDAVLPNMRVHGRIAVCGLISQYNIAAAEGCRNLMYLIIKQVRMQGFLVFSYYHLYEKFLEMVLPAIKEGKLTYVED
VVEGLESAPAALIGLYAGRNVGKQVVVVSRE
;
_entity_poly.pdbx_strand_id   A
#
loop_
_chem_comp.id
_chem_comp.type
_chem_comp.name
_chem_comp.formula
EDO non-polymer 1,2-ETHANEDIOL 'C2 H6 O2'
MPD non-polymer (4S)-2-METHYL-2,4-PENTANEDIOL 'C6 H14 O2'
NA non-polymer 'SODIUM ION' 'Na 1'
NAP non-polymer 'NADP NICOTINAMIDE-ADENINE-DINUCLEOTIDE PHOSPHATE' 'C21 H28 N7 O17 P3'
PGR non-polymer R-1,2-PROPANEDIOL 'C3 H8 O2'
#
# COMPACT_ATOMS: atom_id res chain seq x y z
N GLY A 1 14.20 -3.47 -40.38
CA GLY A 1 13.77 -4.72 -39.75
C GLY A 1 12.28 -4.90 -39.90
N LEU A 2 11.80 -6.14 -39.88
CA LEU A 2 10.37 -6.44 -40.14
C LEU A 2 10.01 -7.68 -39.32
N MET A 3 8.88 -7.66 -38.60
CA MET A 3 8.39 -8.83 -37.82
C MET A 3 7.00 -9.22 -38.35
N ALA A 4 6.87 -10.42 -38.94
CA ALA A 4 5.54 -10.97 -39.29
C ALA A 4 4.66 -11.19 -38.06
N ALA A 5 3.36 -10.89 -38.17
CA ALA A 5 2.37 -11.29 -37.16
C ALA A 5 2.32 -12.83 -37.15
N SER A 6 2.03 -13.39 -35.99
CA SER A 6 1.88 -14.85 -35.80
C SER A 6 0.63 -15.33 -36.55
N THR A 7 0.73 -16.43 -37.30
CA THR A 7 -0.43 -17.12 -37.94
C THR A 7 -1.13 -18.01 -36.91
N GLU A 8 -0.68 -18.03 -35.65
CA GLU A 8 -1.35 -18.77 -34.54
C GLU A 8 -1.89 -17.76 -33.51
N GLY A 9 -1.87 -16.46 -33.84
CA GLY A 9 -2.36 -15.38 -32.94
C GLY A 9 -1.48 -15.22 -31.69
N VAL A 10 -0.22 -15.65 -31.71
CA VAL A 10 0.69 -15.40 -30.55
C VAL A 10 1.01 -13.90 -30.47
N ILE A 11 0.86 -13.24 -29.31
CA ILE A 11 1.48 -11.88 -29.14
C ILE A 11 2.48 -11.84 -27.97
N SER A 12 3.27 -10.77 -27.92
CA SER A 12 4.28 -10.55 -26.88
C SER A 12 3.62 -10.15 -25.56
N ASN A 13 4.16 -10.65 -24.47
CA ASN A 13 3.68 -10.35 -23.11
C ASN A 13 4.91 -10.04 -22.28
N LYS A 14 5.22 -8.78 -22.09
CA LYS A 14 6.34 -8.37 -21.19
CA LYS A 14 6.34 -8.38 -21.20
C LYS A 14 5.98 -8.76 -19.75
N GLN A 15 6.97 -9.20 -18.97
CA GLN A 15 6.80 -9.69 -17.59
C GLN A 15 7.96 -9.19 -16.76
N VAL A 16 7.69 -9.01 -15.47
CA VAL A 16 8.74 -8.83 -14.44
C VAL A 16 8.79 -10.12 -13.64
N ILE A 17 9.91 -10.84 -13.76
CA ILE A 17 10.15 -12.15 -13.10
CA ILE A 17 10.05 -12.12 -13.03
C ILE A 17 10.93 -11.90 -11.80
N LEU A 18 10.66 -12.69 -10.78
CA LEU A 18 11.57 -12.79 -9.63
C LEU A 18 12.63 -13.81 -10.03
N LYS A 19 13.87 -13.36 -10.13
CA LYS A 19 14.92 -14.29 -10.63
C LYS A 19 15.19 -15.32 -9.53
N ASP A 20 15.34 -14.87 -8.28
CA ASP A 20 15.67 -15.77 -7.16
C ASP A 20 15.23 -15.07 -5.86
N TYR A 21 15.12 -15.82 -4.79
CA TYR A 21 14.71 -15.35 -3.45
C TYR A 21 15.77 -14.36 -2.98
N VAL A 22 15.32 -13.44 -2.15
CA VAL A 22 16.06 -12.26 -1.69
C VAL A 22 16.45 -12.43 -0.23
N THR A 23 17.68 -12.04 0.09
CA THR A 23 18.25 -11.89 1.48
C THR A 23 18.54 -10.40 1.65
N GLY A 24 18.24 -9.80 2.80
CA GLY A 24 18.57 -8.38 3.04
C GLY A 24 17.72 -7.51 2.15
N PHE A 25 18.23 -6.35 1.72
CA PHE A 25 17.47 -5.38 0.88
C PHE A 25 17.43 -5.91 -0.53
N PRO A 26 16.28 -5.72 -1.19
CA PRO A 26 16.17 -6.10 -2.59
C PRO A 26 16.88 -5.09 -3.50
N LYS A 27 17.32 -5.62 -4.62
CA LYS A 27 18.04 -4.92 -5.69
C LYS A 27 17.20 -5.02 -6.96
N GLU A 28 17.34 -4.05 -7.86
CA GLU A 28 16.72 -4.12 -9.20
C GLU A 28 17.06 -5.46 -9.86
N SER A 29 18.32 -5.90 -9.75
CA SER A 29 18.83 -7.13 -10.40
C SER A 29 18.28 -8.41 -9.77
N ASP A 30 17.46 -8.32 -8.72
CA ASP A 30 16.73 -9.51 -8.18
C ASP A 30 15.50 -9.83 -9.08
N MET A 31 15.16 -8.86 -9.95
CA MET A 31 14.03 -8.99 -10.88
C MET A 31 14.60 -8.97 -12.30
N GLN A 32 13.88 -9.56 -13.26
CA GLN A 32 14.27 -9.58 -14.68
C GLN A 32 13.06 -9.19 -15.51
N LEU A 33 13.26 -8.20 -16.37
CA LEU A 33 12.30 -7.92 -17.44
C LEU A 33 12.47 -8.96 -18.54
N THR A 34 11.38 -9.52 -18.99
CA THR A 34 11.45 -10.55 -20.05
C THR A 34 10.25 -10.38 -20.97
N THR A 35 10.31 -10.98 -22.13
CA THR A 35 9.17 -10.98 -23.05
C THR A 35 8.78 -12.43 -23.27
N ALA A 36 7.61 -12.78 -22.77
CA ALA A 36 6.94 -14.05 -23.05
C ALA A 36 5.97 -13.84 -24.21
N THR A 37 5.31 -14.93 -24.52
CA THR A 37 4.26 -15.00 -25.57
C THR A 37 2.96 -15.46 -24.91
N THR A 38 1.89 -15.03 -25.52
CA THR A 38 0.53 -15.37 -25.05
C THR A 38 -0.36 -15.47 -26.28
N LYS A 39 -1.23 -16.43 -26.22
CA LYS A 39 -2.46 -16.47 -27.03
C LYS A 39 -3.47 -15.99 -26.02
N LEU A 40 -4.08 -14.90 -26.31
CA LEU A 40 -5.10 -14.29 -25.46
C LEU A 40 -6.35 -15.16 -25.47
N LYS A 41 -6.25 -16.34 -24.84
CA LYS A 41 -7.40 -17.27 -24.73
C LYS A 41 -7.45 -17.86 -23.34
N LEU A 42 -8.63 -17.88 -22.74
CA LEU A 42 -8.74 -18.51 -21.41
C LEU A 42 -8.60 -20.00 -21.57
N PRO A 43 -7.93 -20.66 -20.57
CA PRO A 43 -7.89 -22.10 -20.48
C PRO A 43 -9.32 -22.66 -20.48
N GLU A 44 -9.48 -23.76 -21.18
CA GLU A 44 -10.72 -24.58 -21.20
C GLU A 44 -11.23 -24.81 -19.76
N GLY A 45 -12.52 -24.54 -19.48
CA GLY A 45 -13.06 -24.80 -18.16
C GLY A 45 -12.81 -23.69 -17.15
N SER A 46 -12.02 -22.67 -17.48
CA SER A 46 -11.65 -21.56 -16.58
C SER A 46 -12.91 -20.90 -16.06
N LYS A 47 -12.98 -20.71 -14.74
CA LYS A 47 -14.01 -19.84 -14.12
C LYS A 47 -13.38 -18.47 -13.86
N GLY A 48 -12.23 -18.17 -14.47
CA GLY A 48 -11.56 -16.89 -14.19
C GLY A 48 -11.62 -15.89 -15.31
N VAL A 49 -10.64 -14.98 -15.31
CA VAL A 49 -10.61 -13.88 -16.32
C VAL A 49 -9.23 -13.82 -16.90
N LEU A 50 -9.21 -13.45 -18.17
CA LEU A 50 -8.01 -13.02 -18.92
C LEU A 50 -8.06 -11.50 -18.97
N VAL A 51 -7.03 -10.83 -18.45
CA VAL A 51 -7.10 -9.36 -18.33
C VAL A 51 -5.87 -8.73 -18.98
N LYS A 52 -6.02 -7.47 -19.40
CA LYS A 52 -4.95 -6.55 -19.75
C LYS A 52 -4.69 -5.69 -18.52
N ASN A 53 -3.47 -5.77 -18.00
CA ASN A 53 -3.13 -4.98 -16.79
C ASN A 53 -2.90 -3.53 -17.20
N LEU A 54 -3.45 -2.64 -16.40
CA LEU A 54 -3.42 -1.20 -16.64
C LEU A 54 -2.49 -0.51 -15.66
N TYR A 55 -2.72 -0.72 -14.39
CA TYR A 55 -1.92 -0.13 -13.29
C TYR A 55 -1.51 -1.22 -12.32
N LEU A 56 -0.29 -1.09 -11.78
CA LEU A 56 0.17 -1.98 -10.71
C LEU A 56 0.52 -1.16 -9.48
N SER A 57 0.26 -1.72 -8.34
CA SER A 57 0.63 -1.13 -7.06
C SER A 57 2.04 -1.61 -6.66
N CYS A 58 2.86 -0.72 -6.16
CA CYS A 58 4.01 -1.13 -5.36
C CYS A 58 3.60 -0.96 -3.89
N ASP A 59 3.59 -2.05 -3.13
CA ASP A 59 3.18 -2.04 -1.71
C ASP A 59 4.29 -2.63 -0.85
N PRO A 60 4.59 -2.05 0.32
CA PRO A 60 5.65 -2.58 1.19
C PRO A 60 5.63 -4.08 1.52
N TYR A 61 4.47 -4.67 1.68
CA TYR A 61 4.37 -6.08 2.12
C TYR A 61 5.08 -6.97 1.06
N MET A 62 5.22 -6.50 -0.18
CA MET A 62 5.65 -7.39 -1.29
C MET A 62 7.08 -7.91 -1.03
N ARG A 63 7.91 -7.15 -0.34
CA ARG A 63 9.28 -7.65 -0.01
C ARG A 63 9.19 -8.99 0.74
N SER A 64 8.25 -9.15 1.67
CA SER A 64 8.14 -10.39 2.49
CA SER A 64 8.16 -10.39 2.49
C SER A 64 7.95 -11.61 1.58
N ARG A 65 7.30 -11.41 0.44
CA ARG A 65 6.98 -12.53 -0.51
C ARG A 65 8.22 -12.94 -1.32
N MET A 66 9.30 -12.16 -1.23
CA MET A 66 10.55 -12.44 -1.99
C MET A 66 11.46 -13.35 -1.16
N THR A 67 11.09 -13.64 0.09
CA THR A 67 11.83 -14.62 0.94
C THR A 67 11.13 -15.98 0.81
N LYS A 68 11.88 -17.04 0.66
CA LYS A 68 11.30 -18.41 0.51
C LYS A 68 10.88 -18.91 1.88
N ARG A 69 9.63 -19.40 1.98
CA ARG A 69 9.02 -20.06 3.18
C ARG A 69 8.04 -21.15 2.71
N GLU A 70 7.73 -22.10 3.60
CA GLU A 70 6.57 -23.04 3.44
C GLU A 70 5.30 -22.22 3.67
N PRO A 71 4.13 -22.61 3.08
CA PRO A 71 2.85 -21.97 3.42
C PRO A 71 2.52 -21.96 4.93
N GLY A 72 2.72 -20.82 5.62
CA GLY A 72 2.48 -20.66 7.07
C GLY A 72 3.40 -19.63 7.72
N ALA A 73 3.08 -19.20 8.95
CA ALA A 73 3.81 -18.15 9.72
C ALA A 73 3.89 -16.84 8.93
N SER A 74 3.42 -16.84 7.68
CA SER A 74 3.03 -15.66 6.86
C SER A 74 1.59 -15.87 6.37
N TYR A 75 0.81 -14.78 6.29
CA TYR A 75 -0.64 -14.74 5.93
C TYR A 75 -0.83 -15.13 4.46
N VAL A 76 0.28 -15.31 3.70
CA VAL A 76 0.28 -15.47 2.22
C VAL A 76 1.58 -16.19 1.75
N ASP A 77 1.48 -16.92 0.64
CA ASP A 77 2.60 -17.74 0.11
C ASP A 77 3.64 -16.85 -0.56
N SER A 78 4.91 -17.25 -0.48
CA SER A 78 6.03 -16.66 -1.27
C SER A 78 5.68 -16.55 -2.77
N PHE A 79 6.29 -15.55 -3.41
CA PHE A 79 6.48 -15.60 -4.86
C PHE A 79 7.22 -16.89 -5.24
N ASP A 80 7.01 -17.33 -6.48
CA ASP A 80 7.80 -18.43 -7.10
C ASP A 80 8.96 -17.85 -7.92
N ALA A 81 10.17 -18.22 -7.57
CA ALA A 81 11.34 -17.90 -8.41
C ALA A 81 11.06 -18.39 -9.84
N GLY A 82 11.33 -17.55 -10.83
CA GLY A 82 11.09 -17.92 -12.22
C GLY A 82 9.75 -17.50 -12.75
N SER A 83 8.86 -16.99 -11.92
CA SER A 83 7.49 -16.60 -12.33
C SER A 83 7.35 -15.09 -12.12
N PRO A 84 6.35 -14.48 -12.74
CA PRO A 84 6.08 -13.07 -12.54
C PRO A 84 5.81 -12.74 -11.06
N ILE A 85 6.28 -11.54 -10.66
CA ILE A 85 5.82 -10.90 -9.41
C ILE A 85 4.28 -10.78 -9.53
N VAL A 86 3.58 -10.90 -8.41
CA VAL A 86 2.11 -10.70 -8.37
C VAL A 86 1.88 -9.56 -7.36
N GLY A 87 0.79 -8.85 -7.56
CA GLY A 87 0.37 -7.84 -6.56
C GLY A 87 -0.90 -7.15 -7.01
N TYR A 88 -1.38 -6.24 -6.21
CA TYR A 88 -2.61 -5.54 -6.52
C TYR A 88 -2.44 -4.71 -7.78
N GLY A 89 -3.49 -4.69 -8.57
CA GLY A 89 -3.51 -3.85 -9.77
C GLY A 89 -4.93 -3.59 -10.24
N VAL A 90 -4.99 -2.86 -11.32
CA VAL A 90 -6.24 -2.48 -12.01
C VAL A 90 -6.10 -3.03 -13.43
N ALA A 91 -7.10 -3.73 -13.93
CA ALA A 91 -7.03 -4.42 -15.23
C ALA A 91 -8.36 -4.33 -15.97
N LYS A 92 -8.30 -4.60 -17.25
CA LYS A 92 -9.44 -4.66 -18.18
C LYS A 92 -9.67 -6.10 -18.58
N VAL A 93 -10.91 -6.57 -18.45
CA VAL A 93 -11.28 -7.95 -18.80
C VAL A 93 -11.30 -8.09 -20.32
N LEU A 94 -10.60 -9.12 -20.79
CA LEU A 94 -10.59 -9.50 -22.22
C LEU A 94 -11.53 -10.68 -22.47
N GLU A 95 -11.58 -11.64 -21.54
CA GLU A 95 -12.40 -12.86 -21.66
C GLU A 95 -12.66 -13.33 -20.23
N SER A 96 -13.83 -13.91 -20.01
CA SER A 96 -14.26 -14.36 -18.68
C SER A 96 -14.97 -15.70 -18.76
N GLY A 97 -14.72 -16.57 -17.77
CA GLY A 97 -15.55 -17.73 -17.52
C GLY A 97 -16.62 -17.48 -16.49
N ASP A 98 -16.68 -16.27 -15.93
CA ASP A 98 -17.69 -15.90 -14.91
C ASP A 98 -18.51 -14.77 -15.53
N PRO A 99 -19.83 -14.94 -15.76
CA PRO A 99 -20.59 -13.96 -16.52
C PRO A 99 -20.89 -12.66 -15.75
N LYS A 100 -20.51 -12.59 -14.50
CA LYS A 100 -20.39 -11.32 -13.75
C LYS A 100 -19.47 -10.31 -14.49
N PHE A 101 -18.45 -10.82 -15.17
CA PHE A 101 -17.43 -10.00 -15.83
C PHE A 101 -17.53 -10.20 -17.33
N LYS A 102 -17.57 -9.11 -18.06
CA LYS A 102 -17.54 -9.18 -19.52
C LYS A 102 -16.43 -8.31 -20.08
N LYS A 103 -16.11 -8.59 -21.33
CA LYS A 103 -15.07 -7.88 -22.07
C LYS A 103 -15.30 -6.40 -21.84
N GLY A 104 -14.23 -5.72 -21.50
CA GLY A 104 -14.24 -4.27 -21.29
C GLY A 104 -14.52 -3.86 -19.84
N ASP A 105 -14.93 -4.78 -18.96
CA ASP A 105 -15.10 -4.42 -17.54
C ASP A 105 -13.75 -4.13 -16.92
N LEU A 106 -13.77 -3.24 -15.94
CA LEU A 106 -12.57 -2.88 -15.16
C LEU A 106 -12.65 -3.54 -13.77
N ILE A 107 -11.52 -4.06 -13.35
CA ILE A 107 -11.44 -4.77 -12.05
C ILE A 107 -10.23 -4.26 -11.27
N TRP A 108 -10.23 -4.52 -9.94
CA TRP A 108 -8.98 -4.46 -9.18
C TRP A 108 -8.89 -5.72 -8.33
N GLY A 109 -7.65 -6.07 -8.04
CA GLY A 109 -7.35 -7.22 -7.24
C GLY A 109 -5.94 -7.70 -7.56
N MET A 110 -5.62 -8.88 -7.10
CA MET A 110 -4.27 -9.48 -7.26
C MET A 110 -4.11 -9.94 -8.73
N THR A 111 -3.08 -9.43 -9.39
CA THR A 111 -2.78 -9.74 -10.79
C THR A 111 -1.27 -9.90 -10.98
N GLY A 112 -0.84 -10.25 -12.20
CA GLY A 112 0.59 -10.44 -12.44
C GLY A 112 1.26 -9.17 -12.92
N TRP A 113 2.57 -9.12 -12.67
CA TRP A 113 3.45 -8.08 -13.19
C TRP A 113 3.78 -8.40 -14.65
N GLU A 114 2.84 -8.13 -15.51
CA GLU A 114 2.92 -8.53 -16.93
C GLU A 114 1.89 -7.71 -17.70
N GLU A 115 1.93 -7.74 -19.02
CA GLU A 115 0.93 -6.97 -19.82
C GLU A 115 -0.42 -7.69 -19.75
N TYR A 116 -0.44 -9.03 -19.73
CA TYR A 116 -1.69 -9.84 -19.78
C TYR A 116 -1.54 -10.94 -18.74
N SER A 117 -2.61 -11.19 -17.97
CA SER A 117 -2.66 -12.17 -16.89
C SER A 117 -3.92 -13.02 -17.07
N VAL A 118 -3.79 -14.27 -16.66
CA VAL A 118 -4.93 -15.14 -16.34
C VAL A 118 -5.07 -15.22 -14.82
N ILE A 119 -6.23 -14.81 -14.32
CA ILE A 119 -6.53 -14.85 -12.88
C ILE A 119 -7.54 -15.99 -12.76
N THR A 120 -7.18 -17.06 -12.03
CA THR A 120 -7.92 -18.34 -12.18
C THR A 120 -9.30 -18.30 -11.53
N SER A 121 -9.48 -17.47 -10.51
CA SER A 121 -10.72 -17.33 -9.71
C SER A 121 -11.07 -15.85 -9.64
N THR A 122 -12.36 -15.51 -9.73
CA THR A 122 -12.83 -14.10 -9.59
C THR A 122 -13.29 -13.78 -8.16
N GLU A 123 -13.22 -14.72 -7.22
CA GLU A 123 -13.90 -14.52 -5.91
C GLU A 123 -13.27 -13.32 -5.19
N SER A 124 -11.98 -13.01 -5.42
CA SER A 124 -11.23 -11.92 -4.76
C SER A 124 -10.98 -10.74 -5.72
N LEU A 125 -11.77 -10.58 -6.76
CA LEU A 125 -11.66 -9.42 -7.63
C LEU A 125 -12.84 -8.52 -7.34
N PHE A 126 -12.66 -7.22 -7.50
CA PHE A 126 -13.75 -6.24 -7.38
C PHE A 126 -13.98 -5.62 -8.75
N LYS A 127 -15.23 -5.68 -9.18
CA LYS A 127 -15.63 -5.03 -10.44
C LYS A 127 -15.90 -3.52 -10.19
N ILE A 128 -15.12 -2.69 -10.85
CA ILE A 128 -15.18 -1.23 -10.72
C ILE A 128 -16.46 -0.71 -11.40
N GLN A 129 -17.20 0.15 -10.73
CA GLN A 129 -18.41 0.84 -11.31
C GLN A 129 -18.19 2.32 -11.50
N HIS A 130 -17.58 2.96 -10.52
CA HIS A 130 -17.37 4.43 -10.52
C HIS A 130 -16.03 4.74 -11.22
N ILE A 131 -16.13 5.36 -12.39
CA ILE A 131 -14.97 5.70 -13.26
C ILE A 131 -14.88 7.22 -13.46
N ASP A 132 -15.51 8.00 -12.59
CA ASP A 132 -15.37 9.47 -12.57
C ASP A 132 -14.25 9.87 -11.63
N VAL A 133 -13.27 9.01 -11.43
CA VAL A 133 -12.01 9.27 -10.66
C VAL A 133 -10.92 8.64 -11.50
N PRO A 134 -9.64 9.02 -11.28
CA PRO A 134 -8.54 8.35 -11.95
C PRO A 134 -8.56 6.85 -11.65
N LEU A 135 -8.42 5.99 -12.67
CA LEU A 135 -8.51 4.53 -12.44
C LEU A 135 -7.38 4.11 -11.51
N SER A 136 -6.25 4.81 -11.51
CA SER A 136 -5.13 4.47 -10.61
C SER A 136 -5.54 4.54 -9.14
N TYR A 137 -6.59 5.29 -8.82
CA TYR A 137 -7.06 5.37 -7.42
C TYR A 137 -7.43 4.00 -6.87
N TYR A 138 -7.77 3.03 -7.71
CA TYR A 138 -8.15 1.70 -7.21
C TYR A 138 -6.92 0.86 -6.83
N THR A 139 -5.70 1.39 -6.92
CA THR A 139 -4.53 0.81 -6.25
C THR A 139 -4.21 1.47 -4.92
N GLY A 140 -4.90 2.54 -4.56
CA GLY A 140 -4.51 3.35 -3.39
C GLY A 140 -5.73 3.72 -2.57
N ILE A 141 -6.18 4.96 -2.66
CA ILE A 141 -7.30 5.48 -1.84
C ILE A 141 -8.57 4.65 -2.00
N LEU A 142 -8.85 4.09 -3.19
CA LEU A 142 -10.05 3.27 -3.40
C LEU A 142 -9.74 1.77 -3.39
N GLY A 143 -8.50 1.37 -3.11
CA GLY A 143 -8.08 -0.02 -2.99
C GLY A 143 -7.62 -0.38 -1.62
N MET A 144 -6.65 -1.28 -1.60
CA MET A 144 -6.22 -1.92 -0.35
C MET A 144 -5.68 -0.88 0.64
N PRO A 145 -4.88 0.12 0.19
CA PRO A 145 -4.33 1.10 1.17
C PRO A 145 -5.42 1.95 1.82
N GLY A 146 -6.41 2.35 1.02
CA GLY A 146 -7.52 3.15 1.55
C GLY A 146 -8.33 2.37 2.58
N MET A 147 -8.65 1.12 2.25
CA MET A 147 -9.33 0.22 3.20
C MET A 147 -8.49 0.08 4.50
N THR A 148 -7.16 -0.01 4.37
CA THR A 148 -6.28 -0.15 5.54
C THR A 148 -6.43 1.07 6.43
N ALA A 149 -6.37 2.25 5.83
CA ALA A 149 -6.46 3.48 6.63
C ALA A 149 -7.83 3.53 7.32
N TYR A 150 -8.89 3.17 6.61
CA TYR A 150 -10.26 3.27 7.14
C TYR A 150 -10.43 2.31 8.33
N ALA A 151 -10.05 1.06 8.12
CA ALA A 151 -10.15 0.04 9.17
C ALA A 151 -9.27 0.39 10.36
N GLY A 152 -8.00 0.64 10.10
CA GLY A 152 -7.06 0.90 11.18
C GLY A 152 -7.49 2.09 11.98
N PHE A 153 -7.85 3.21 11.33
CA PHE A 153 -8.17 4.41 12.11
C PHE A 153 -9.53 4.29 12.82
N TYR A 154 -10.59 3.94 12.09
CA TYR A 154 -11.95 4.02 12.67
C TYR A 154 -12.27 2.76 13.51
N GLU A 155 -11.73 1.59 13.19
CA GLU A 155 -12.05 0.33 13.92
C GLU A 155 -11.02 -0.03 14.97
N ILE A 156 -9.75 0.33 14.85
CA ILE A 156 -8.72 -0.06 15.85
C ILE A 156 -8.43 1.11 16.80
N CYS A 157 -8.42 2.35 16.35
CA CYS A 157 -7.86 3.45 17.19
C CYS A 157 -8.91 4.02 18.16
N ASN A 158 -10.21 3.71 17.98
CA ASN A 158 -11.29 4.32 18.81
C ASN A 158 -11.11 5.83 18.90
N PRO A 159 -11.01 6.53 17.76
CA PRO A 159 -10.67 7.95 17.77
C PRO A 159 -11.84 8.81 18.23
N LYS A 160 -11.49 9.93 18.83
CA LYS A 160 -12.47 10.89 19.39
C LYS A 160 -12.06 12.31 19.03
N LYS A 161 -13.06 13.17 18.90
CA LYS A 161 -12.86 14.62 18.70
C LYS A 161 -11.89 15.15 19.76
N GLY A 162 -10.90 15.94 19.37
CA GLY A 162 -10.01 16.62 20.32
C GLY A 162 -8.80 15.74 20.71
N GLU A 163 -8.77 14.48 20.30
CA GLU A 163 -7.62 13.61 20.60
C GLU A 163 -6.41 14.04 19.76
N THR A 164 -5.22 13.77 20.29
CA THR A 164 -3.90 13.96 19.60
C THR A 164 -3.51 12.70 18.85
N VAL A 165 -3.13 12.87 17.62
CA VAL A 165 -2.81 11.74 16.70
C VAL A 165 -1.44 11.96 16.09
N PHE A 166 -0.60 10.95 16.12
CA PHE A 166 0.70 10.92 15.48
C PHE A 166 0.64 9.83 14.43
N VAL A 167 1.16 10.10 13.23
CA VAL A 167 1.19 9.12 12.13
C VAL A 167 2.65 9.06 11.64
N SER A 168 3.23 7.87 11.54
CA SER A 168 4.54 7.68 10.89
C SER A 168 4.33 7.34 9.39
N ALA A 169 5.40 7.51 8.60
CA ALA A 169 5.33 7.40 7.11
C ALA A 169 4.09 8.18 6.64
N ALA A 170 3.91 9.39 7.12
CA ALA A 170 2.58 10.00 7.09
C ALA A 170 2.22 10.50 5.69
N SER A 171 3.19 10.66 4.78
CA SER A 171 2.86 11.12 3.43
C SER A 171 2.57 9.95 2.48
N GLY A 172 2.61 8.72 2.98
CA GLY A 172 2.48 7.55 2.15
C GLY A 172 1.00 7.20 1.89
N ALA A 173 0.86 6.08 1.19
CA ALA A 173 -0.42 5.60 0.73
C ALA A 173 -1.48 5.52 1.83
N VAL A 174 -1.12 4.94 2.97
CA VAL A 174 -2.03 4.74 4.11
C VAL A 174 -2.03 6.01 4.97
N GLY A 175 -0.85 6.46 5.36
CA GLY A 175 -0.72 7.55 6.34
C GLY A 175 -1.41 8.84 5.87
N GLN A 176 -1.38 9.15 4.59
CA GLN A 176 -1.90 10.45 4.12
C GLN A 176 -3.42 10.43 4.33
N LEU A 177 -4.06 9.24 4.34
CA LEU A 177 -5.52 9.14 4.53
C LEU A 177 -5.81 9.15 6.03
N VAL A 178 -5.02 8.43 6.83
CA VAL A 178 -5.29 8.42 8.29
C VAL A 178 -5.29 9.86 8.77
N GLY A 179 -4.31 10.66 8.33
CA GLY A 179 -4.21 12.00 8.89
C GLY A 179 -5.44 12.85 8.45
N GLN A 180 -5.89 12.71 7.21
CA GLN A 180 -7.09 13.43 6.76
C GLN A 180 -8.33 12.98 7.52
N PHE A 181 -8.48 11.67 7.74
CA PHE A 181 -9.63 11.15 8.51
C PHE A 181 -9.63 11.77 9.93
N ALA A 182 -8.46 11.83 10.53
CA ALA A 182 -8.26 12.39 11.88
C ALA A 182 -8.57 13.89 11.88
N LYS A 183 -8.12 14.63 10.89
CA LYS A 183 -8.40 16.09 10.80
C LYS A 183 -9.92 16.33 10.69
N LEU A 184 -10.60 15.54 9.86
CA LEU A 184 -12.06 15.67 9.61
C LEU A 184 -12.87 15.33 10.89
N LEU A 185 -12.32 14.48 11.75
CA LEU A 185 -12.91 14.09 13.04
C LEU A 185 -12.68 15.22 14.07
N GLY A 186 -11.81 16.18 13.82
CA GLY A 186 -11.51 17.20 14.84
C GLY A 186 -10.35 16.86 15.77
N CYS A 187 -9.47 16.02 15.32
CA CYS A 187 -8.24 15.69 16.06
C CYS A 187 -7.13 16.67 15.71
N TYR A 188 -6.14 16.78 16.59
CA TYR A 188 -4.85 17.44 16.36
C TYR A 188 -3.93 16.38 15.78
N VAL A 189 -3.37 16.62 14.61
CA VAL A 189 -2.65 15.60 13.82
C VAL A 189 -1.25 16.06 13.45
N VAL A 190 -0.27 15.22 13.75
CA VAL A 190 1.11 15.44 13.33
C VAL A 190 1.61 14.23 12.57
N GLY A 191 2.47 14.43 11.59
CA GLY A 191 3.07 13.33 10.84
C GLY A 191 4.57 13.42 10.74
N SER A 192 5.23 12.28 10.68
CA SER A 192 6.67 12.19 10.41
CA SER A 192 6.67 12.15 10.42
C SER A 192 6.87 11.66 8.96
N ALA A 193 7.86 12.22 8.27
CA ALA A 193 8.25 11.78 6.95
C ALA A 193 9.75 12.03 6.76
N GLY A 194 10.27 11.61 5.64
CA GLY A 194 11.72 11.52 5.41
C GLY A 194 12.32 12.62 4.59
N SER A 195 11.60 13.66 4.29
CA SER A 195 12.14 14.79 3.50
C SER A 195 11.35 16.05 3.75
N LYS A 196 11.95 17.20 3.36
CA LYS A 196 11.28 18.52 3.45
C LYS A 196 10.07 18.53 2.51
N GLU A 197 10.23 17.94 1.31
CA GLU A 197 9.13 17.89 0.34
C GLU A 197 7.91 17.20 0.99
N LYS A 198 8.17 16.07 1.68
CA LYS A 198 7.02 15.34 2.23
C LYS A 198 6.43 16.04 3.45
N VAL A 199 7.27 16.68 4.26
CA VAL A 199 6.78 17.50 5.39
C VAL A 199 5.87 18.60 4.88
N ASP A 200 6.33 19.29 3.84
CA ASP A 200 5.54 20.41 3.29
C ASP A 200 4.21 19.89 2.71
N LEU A 201 4.25 18.73 2.05
CA LEU A 201 3.05 18.10 1.53
C LEU A 201 2.05 17.83 2.67
N LEU A 202 2.53 17.27 3.79
CA LEU A 202 1.66 17.01 4.95
C LEU A 202 0.95 18.26 5.44
N LYS A 203 1.71 19.35 5.62
CA LYS A 203 1.08 20.56 6.17
C LYS A 203 0.16 21.23 5.11
N ASN A 204 0.60 21.25 3.88
CA ASN A 204 -0.03 22.11 2.86
C ASN A 204 -1.11 21.41 2.03
N LYS A 205 -0.88 20.17 1.63
CA LYS A 205 -1.87 19.39 0.85
C LYS A 205 -2.88 18.70 1.75
N PHE A 206 -2.42 18.09 2.85
CA PHE A 206 -3.27 17.17 3.62
C PHE A 206 -3.83 17.85 4.86
N GLY A 207 -3.36 19.04 5.18
CA GLY A 207 -3.89 19.83 6.32
C GLY A 207 -3.51 19.25 7.67
N PHE A 208 -2.38 18.55 7.80
CA PHE A 208 -1.91 18.13 9.12
C PHE A 208 -1.62 19.42 9.88
N ASP A 209 -1.81 19.37 11.20
CA ASP A 209 -1.47 20.53 12.08
C ASP A 209 0.03 20.78 12.07
N ASN A 210 0.83 19.74 11.98
CA ASN A 210 2.29 19.89 11.94
C ASN A 210 2.92 18.61 11.40
N ALA A 211 4.19 18.68 11.13
CA ALA A 211 4.95 17.56 10.59
C ALA A 211 6.42 17.84 10.78
N PHE A 212 7.22 16.80 10.73
CA PHE A 212 8.68 16.92 10.84
C PHE A 212 9.38 15.83 10.05
N ASN A 213 10.62 16.13 9.69
CA ASN A 213 11.52 15.24 8.95
C ASN A 213 12.30 14.44 9.99
N TYR A 214 11.99 13.15 10.13
CA TYR A 214 12.66 12.33 11.15
C TYR A 214 14.16 12.17 10.86
N LYS A 215 14.57 12.27 9.60
CA LYS A 215 15.97 12.03 9.24
C LYS A 215 16.84 13.19 9.73
N GLU A 216 16.23 14.35 10.04
CA GLU A 216 16.96 15.56 10.48
C GLU A 216 16.84 15.80 11.98
N GLU A 217 16.22 14.89 12.71
CA GLU A 217 15.94 15.11 14.15
C GLU A 217 16.87 14.20 14.92
N PRO A 218 17.93 14.73 15.58
CA PRO A 218 18.80 13.85 16.35
C PRO A 218 18.13 13.22 17.56
N ASP A 219 17.13 13.94 18.07
CA ASP A 219 16.41 13.57 19.32
C ASP A 219 14.91 13.43 19.02
N LEU A 220 14.46 12.22 18.74
CA LEU A 220 13.03 12.04 18.42
C LEU A 220 12.12 12.36 19.60
N ASP A 221 12.55 12.06 20.82
CA ASP A 221 11.72 12.41 22.00
C ASP A 221 11.51 13.93 22.03
N ALA A 222 12.58 14.72 21.85
CA ALA A 222 12.42 16.19 21.83
C ALA A 222 11.52 16.66 20.70
N ALA A 223 11.60 16.03 19.52
CA ALA A 223 10.72 16.43 18.41
C ALA A 223 9.27 16.15 18.83
N LEU A 224 9.00 14.96 19.39
CA LEU A 224 7.59 14.65 19.70
C LEU A 224 7.08 15.58 20.80
N LYS A 225 7.94 15.95 21.77
CA LYS A 225 7.47 16.88 22.84
C LYS A 225 7.23 18.29 22.29
N ARG A 226 7.95 18.69 21.22
CA ARG A 226 7.74 20.00 20.51
C ARG A 226 6.28 20.05 20.04
N TYR A 227 5.78 18.97 19.44
CA TYR A 227 4.46 18.98 18.79
C TYR A 227 3.34 18.46 19.71
N PHE A 228 3.68 17.70 20.74
CA PHE A 228 2.73 17.05 21.66
C PHE A 228 3.13 17.35 23.09
N PRO A 229 3.00 18.61 23.54
CA PRO A 229 3.47 18.94 24.90
C PRO A 229 2.70 18.20 25.99
N GLU A 230 1.46 17.73 25.71
CA GLU A 230 0.70 16.89 26.66
C GLU A 230 0.49 15.46 26.21
N GLY A 231 1.29 15.03 25.27
CA GLY A 231 1.30 13.64 24.85
C GLY A 231 0.39 13.27 23.69
N ILE A 232 0.47 12.00 23.34
CA ILE A 232 -0.14 11.40 22.13
C ILE A 232 -1.27 10.46 22.54
N ASP A 233 -2.50 10.68 22.11
CA ASP A 233 -3.60 9.73 22.38
C ASP A 233 -3.55 8.52 21.43
N ILE A 234 -3.21 8.72 20.17
CA ILE A 234 -3.22 7.66 19.13
C ILE A 234 -1.94 7.78 18.34
N TYR A 235 -1.22 6.66 18.23
CA TYR A 235 -0.11 6.48 17.31
C TYR A 235 -0.57 5.50 16.24
N PHE A 236 -0.58 5.94 15.00
CA PHE A 236 -0.82 5.07 13.84
C PHE A 236 0.57 4.70 13.29
N GLU A 237 0.98 3.49 13.63
CA GLU A 237 2.35 2.98 13.46
C GLU A 237 2.51 2.29 12.09
N ASN A 238 3.34 2.91 11.23
CA ASN A 238 3.69 2.36 9.93
C ASN A 238 5.17 1.94 9.81
N VAL A 239 5.98 2.31 10.77
CA VAL A 239 7.45 2.19 10.58
C VAL A 239 8.13 1.30 11.64
N GLY A 240 7.80 1.43 12.90
CA GLY A 240 8.48 0.64 13.94
C GLY A 240 9.85 1.26 14.20
N GLY A 241 10.76 0.48 14.73
CA GLY A 241 12.14 0.91 14.97
C GLY A 241 12.26 2.05 15.99
N VAL A 242 13.12 3.04 15.66
CA VAL A 242 13.44 4.10 16.63
C VAL A 242 12.21 4.97 16.88
N MET A 243 11.35 5.16 15.88
CA MET A 243 10.16 6.02 16.08
C MET A 243 9.23 5.41 17.14
N LEU A 244 9.05 4.08 17.15
CA LEU A 244 8.18 3.45 18.16
C LEU A 244 8.75 3.65 19.56
N ASP A 245 10.04 3.48 19.71
CA ASP A 245 10.68 3.64 21.01
C ASP A 245 10.47 5.08 21.48
N ALA A 246 10.57 6.06 20.58
CA ALA A 246 10.45 7.49 20.94
C ALA A 246 8.99 7.82 21.31
N VAL A 247 8.03 7.17 20.65
CA VAL A 247 6.61 7.40 20.91
C VAL A 247 6.20 6.93 22.30
N LEU A 248 6.62 5.75 22.69
CA LEU A 248 6.07 5.09 23.89
C LEU A 248 6.07 5.99 25.12
N PRO A 249 7.19 6.66 25.47
CA PRO A 249 7.17 7.55 26.63
C PRO A 249 6.30 8.81 26.51
N ASN A 250 5.82 9.09 25.28
CA ASN A 250 5.02 10.26 24.99
C ASN A 250 3.53 9.90 24.86
N MET A 251 3.16 8.63 25.06
CA MET A 251 1.72 8.27 25.04
C MET A 251 0.98 8.87 26.25
N ARG A 252 -0.28 9.21 26.02
CA ARG A 252 -1.23 9.58 27.07
C ARG A 252 -1.83 8.33 27.72
N VAL A 253 -2.35 8.52 28.91
CA VAL A 253 -3.05 7.42 29.64
C VAL A 253 -4.24 6.94 28.79
N HIS A 254 -4.33 5.63 28.62
CA HIS A 254 -5.35 4.94 27.77
C HIS A 254 -5.14 5.31 26.29
N GLY A 255 -3.90 5.61 25.95
CA GLY A 255 -3.54 5.84 24.54
C GLY A 255 -3.59 4.52 23.79
N ARG A 256 -3.59 4.61 22.48
CA ARG A 256 -3.75 3.45 21.59
C ARG A 256 -2.66 3.53 20.55
N ILE A 257 -2.07 2.42 20.17
CA ILE A 257 -1.12 2.28 19.07
C ILE A 257 -1.71 1.26 18.12
N ALA A 258 -2.09 1.73 16.93
CA ALA A 258 -2.56 0.81 15.87
C ALA A 258 -1.32 0.38 15.11
N VAL A 259 -0.99 -0.92 15.17
CA VAL A 259 0.22 -1.42 14.52
C VAL A 259 -0.17 -1.91 13.15
N CYS A 260 -0.06 -1.00 12.19
CA CYS A 260 -0.33 -1.26 10.77
C CYS A 260 0.86 -1.92 10.11
N GLY A 261 2.04 -1.33 10.26
CA GLY A 261 3.26 -1.81 9.66
C GLY A 261 4.49 -1.46 10.44
N LEU A 262 5.60 -2.08 10.03
CA LEU A 262 6.89 -1.89 10.71
C LEU A 262 7.96 -1.86 9.65
N ILE A 263 7.83 -0.96 8.66
CA ILE A 263 8.67 -1.07 7.43
C ILE A 263 10.16 -0.92 7.71
N SER A 264 10.54 -0.27 8.79
CA SER A 264 11.99 -0.19 9.12
C SER A 264 12.61 -1.58 9.38
N GLN A 265 11.82 -2.62 9.59
CA GLN A 265 12.25 -4.00 9.97
C GLN A 265 12.18 -4.93 8.75
N TYR A 266 11.76 -4.50 7.57
CA TYR A 266 11.29 -5.49 6.55
C TYR A 266 12.48 -6.17 5.87
N ASN A 267 13.66 -5.58 5.95
CA ASN A 267 14.84 -5.98 5.10
C ASN A 267 16.02 -6.42 5.94
N ILE A 268 15.90 -6.35 7.22
CA ILE A 268 17.02 -6.81 8.12
C ILE A 268 16.67 -8.19 8.74
N ALA A 269 17.62 -9.14 8.74
CA ALA A 269 17.40 -10.57 9.06
C ALA A 269 16.94 -10.71 10.51
N ALA A 270 17.51 -9.85 11.38
CA ALA A 270 17.15 -9.75 12.81
C ALA A 270 16.64 -8.33 13.11
N ALA A 271 15.38 -8.23 13.50
CA ALA A 271 14.72 -6.95 13.86
C ALA A 271 15.50 -6.24 14.99
N GLU A 272 15.40 -4.90 15.01
CA GLU A 272 15.81 -4.02 16.14
C GLU A 272 14.88 -4.28 17.33
N GLY A 273 15.41 -4.14 18.53
CA GLY A 273 14.60 -4.28 19.75
C GLY A 273 13.75 -3.04 20.02
N CYS A 274 12.49 -3.20 20.41
CA CYS A 274 11.68 -2.14 21.04
C CYS A 274 11.94 -2.16 22.57
N ARG A 275 12.48 -1.07 23.13
CA ARG A 275 13.11 -0.98 24.48
C ARG A 275 12.24 -0.28 25.56
N ASN A 276 11.17 0.44 25.21
CA ASN A 276 10.36 1.34 26.13
C ASN A 276 8.97 0.72 26.43
N LEU A 277 8.82 -0.61 26.34
CA LEU A 277 7.51 -1.28 26.53
C LEU A 277 6.99 -1.05 27.96
N MET A 278 7.83 -0.69 28.92
CA MET A 278 7.34 -0.36 30.29
C MET A 278 6.25 0.71 30.25
N TYR A 279 6.32 1.61 29.26
CA TYR A 279 5.32 2.67 29.14
C TYR A 279 3.95 2.12 28.74
N LEU A 280 3.86 0.91 28.13
CA LEU A 280 2.53 0.32 27.90
C LEU A 280 1.82 0.12 29.25
N ILE A 281 2.57 -0.17 30.32
CA ILE A 281 1.98 -0.38 31.65
C ILE A 281 1.71 1.00 32.30
N ILE A 282 2.74 1.82 32.37
CA ILE A 282 2.69 3.17 33.05
C ILE A 282 1.53 4.00 32.46
N LYS A 283 1.36 3.95 31.13
CA LYS A 283 0.31 4.74 30.45
C LYS A 283 -0.90 3.89 30.09
N GLN A 284 -0.93 2.60 30.47
CA GLN A 284 -2.13 1.76 30.22
C GLN A 284 -2.55 1.87 28.74
N VAL A 285 -1.63 1.54 27.88
CA VAL A 285 -1.77 1.67 26.42
C VAL A 285 -2.21 0.34 25.79
N ARG A 286 -3.13 0.44 24.85
CA ARG A 286 -3.53 -0.66 23.95
C ARG A 286 -2.77 -0.62 22.65
N MET A 287 -1.90 -1.55 22.40
CA MET A 287 -1.07 -1.67 21.18
C MET A 287 -1.58 -2.87 20.40
N GLN A 288 -2.21 -2.64 19.25
CA GLN A 288 -3.01 -3.67 18.60
C GLN A 288 -2.68 -3.75 17.12
N GLY A 289 -2.27 -4.93 16.65
CA GLY A 289 -2.03 -5.16 15.22
C GLY A 289 -3.32 -5.57 14.51
N PHE A 290 -3.36 -5.37 13.19
CA PHE A 290 -4.53 -5.72 12.38
C PHE A 290 -4.09 -6.01 10.97
N LEU A 291 -4.94 -6.76 10.25
CA LEU A 291 -4.76 -7.03 8.81
C LEU A 291 -5.97 -6.56 8.02
N VAL A 292 -5.75 -5.73 7.00
CA VAL A 292 -6.86 -5.18 6.20
C VAL A 292 -7.80 -6.28 5.68
N PHE A 293 -7.26 -7.45 5.37
CA PHE A 293 -8.12 -8.47 4.74
C PHE A 293 -9.23 -8.96 5.69
N SER A 294 -9.15 -8.71 7.00
CA SER A 294 -10.23 -9.03 7.96
C SER A 294 -11.36 -8.01 7.94
N TYR A 295 -11.23 -6.96 7.12
CA TYR A 295 -12.18 -5.82 7.09
C TYR A 295 -12.77 -5.57 5.69
N TYR A 296 -12.60 -6.44 4.72
CA TYR A 296 -13.13 -6.20 3.35
C TYR A 296 -14.66 -6.30 3.33
N HIS A 297 -15.30 -6.85 4.35
CA HIS A 297 -16.78 -6.80 4.49
C HIS A 297 -17.25 -5.35 4.57
N LEU A 298 -16.36 -4.40 4.90
CA LEU A 298 -16.71 -2.98 5.04
C LEU A 298 -16.40 -2.23 3.74
N TYR A 299 -15.88 -2.88 2.69
CA TYR A 299 -15.41 -2.13 1.50
C TYR A 299 -16.54 -1.30 0.86
N GLU A 300 -17.75 -1.87 0.69
CA GLU A 300 -18.82 -1.10 0.00
C GLU A 300 -19.24 0.13 0.87
N LYS A 301 -19.20 -0.01 2.18
CA LYS A 301 -19.49 1.09 3.15
C LYS A 301 -18.40 2.16 3.07
N PHE A 302 -17.17 1.71 2.95
CA PHE A 302 -16.02 2.59 2.73
C PHE A 302 -16.23 3.42 1.45
N LEU A 303 -16.54 2.78 0.31
CA LEU A 303 -16.72 3.51 -0.97
C LEU A 303 -17.90 4.49 -0.87
N GLU A 304 -18.96 4.14 -0.14
CA GLU A 304 -20.13 5.07 0.04
C GLU A 304 -19.69 6.35 0.75
N MET A 305 -18.67 6.28 1.61
CA MET A 305 -18.15 7.47 2.34
CA MET A 305 -18.16 7.47 2.34
C MET A 305 -17.12 8.19 1.47
N VAL A 306 -16.17 7.47 0.90
CA VAL A 306 -14.96 8.15 0.35
CA VAL A 306 -14.96 8.14 0.33
C VAL A 306 -15.26 8.72 -1.05
N LEU A 307 -16.11 8.07 -1.86
CA LEU A 307 -16.29 8.60 -3.22
C LEU A 307 -16.86 10.02 -3.20
N PRO A 308 -17.98 10.30 -2.51
CA PRO A 308 -18.47 11.67 -2.46
C PRO A 308 -17.51 12.68 -1.80
N ALA A 309 -16.73 12.21 -0.82
CA ALA A 309 -15.73 13.06 -0.15
C ALA A 309 -14.66 13.48 -1.18
N ILE A 310 -14.21 12.57 -2.03
CA ILE A 310 -13.21 12.90 -3.06
C ILE A 310 -13.87 13.91 -4.00
N LYS A 311 -15.09 13.64 -4.47
CA LYS A 311 -15.82 14.55 -5.42
C LYS A 311 -15.99 15.97 -4.84
N GLU A 312 -16.34 16.09 -3.54
CA GLU A 312 -16.58 17.36 -2.77
C GLU A 312 -15.25 18.05 -2.43
N GLY A 313 -14.08 17.44 -2.67
CA GLY A 313 -12.78 17.97 -2.26
C GLY A 313 -12.52 17.92 -0.76
N LYS A 314 -13.24 17.12 -0.01
CA LYS A 314 -13.03 16.91 1.45
C LYS A 314 -11.78 16.02 1.64
N LEU A 315 -11.54 15.10 0.73
CA LEU A 315 -10.42 14.16 0.80
C LEU A 315 -9.64 14.33 -0.50
N THR A 316 -8.33 14.26 -0.38
CA THR A 316 -7.45 14.31 -1.55
C THR A 316 -6.42 13.18 -1.48
N TYR A 317 -5.67 13.02 -2.56
CA TYR A 317 -4.72 11.89 -2.66
C TYR A 317 -3.56 12.29 -3.54
N VAL A 318 -2.38 11.86 -3.14
CA VAL A 318 -1.13 12.08 -3.92
C VAL A 318 -0.55 10.72 -4.27
N GLU A 319 -0.35 10.49 -5.56
CA GLU A 319 0.25 9.30 -6.18
C GLU A 319 1.59 9.70 -6.79
N ASP A 320 2.50 8.78 -6.75
CA ASP A 320 3.80 8.79 -7.45
C ASP A 320 3.64 7.79 -8.60
N VAL A 321 3.64 8.32 -9.81
CA VAL A 321 3.32 7.47 -10.99
C VAL A 321 4.58 7.33 -11.84
N VAL A 322 4.98 6.09 -12.11
CA VAL A 322 6.08 5.79 -13.05
C VAL A 322 5.54 4.98 -14.25
N GLU A 323 6.21 5.16 -15.39
CA GLU A 323 5.74 4.64 -16.68
C GLU A 323 6.41 3.32 -17.04
N GLY A 324 5.61 2.32 -17.35
CA GLY A 324 6.08 1.07 -17.95
C GLY A 324 6.43 0.00 -16.96
N LEU A 325 6.25 -1.26 -17.31
CA LEU A 325 6.76 -2.38 -16.49
C LEU A 325 8.27 -2.24 -16.25
N GLU A 326 9.00 -1.67 -17.20
CA GLU A 326 10.46 -1.48 -17.10
C GLU A 326 10.81 -0.68 -15.84
N SER A 327 9.90 0.16 -15.38
CA SER A 327 10.09 1.07 -14.22
C SER A 327 9.76 0.34 -12.92
N ALA A 328 9.09 -0.80 -12.97
CA ALA A 328 8.45 -1.42 -11.77
C ALA A 328 9.47 -1.91 -10.77
N PRO A 329 10.59 -2.56 -11.18
CA PRO A 329 11.55 -3.00 -10.17
C PRO A 329 12.11 -1.85 -9.34
N ALA A 330 12.52 -0.78 -10.00
CA ALA A 330 13.10 0.35 -9.27
C ALA A 330 12.03 1.00 -8.40
N ALA A 331 10.78 1.06 -8.85
CA ALA A 331 9.69 1.68 -8.05
C ALA A 331 9.43 0.86 -6.80
N LEU A 332 9.50 -0.47 -6.88
CA LEU A 332 9.26 -1.31 -5.70
C LEU A 332 10.41 -1.16 -4.70
N ILE A 333 11.66 -1.30 -5.15
CA ILE A 333 12.82 -1.15 -4.26
C ILE A 333 12.80 0.21 -3.60
N GLY A 334 12.38 1.22 -4.37
CA GLY A 334 12.35 2.61 -3.89
C GLY A 334 11.51 2.81 -2.63
N LEU A 335 10.48 1.99 -2.41
CA LEU A 335 9.67 2.11 -1.17
C LEU A 335 10.57 2.08 0.07
N TYR A 336 11.64 1.25 0.07
CA TYR A 336 12.47 1.02 1.28
C TYR A 336 13.51 2.11 1.42
N ALA A 337 13.57 3.03 0.45
CA ALA A 337 14.45 4.23 0.50
C ALA A 337 13.63 5.51 0.61
N GLY A 338 12.30 5.40 0.65
CA GLY A 338 11.46 6.60 0.65
C GLY A 338 11.47 7.33 -0.68
N ARG A 339 11.75 6.64 -1.80
CA ARG A 339 11.84 7.31 -3.11
C ARG A 339 10.47 7.80 -3.54
N ASN A 340 9.41 7.08 -3.16
CA ASN A 340 8.03 7.42 -3.53
C ASN A 340 7.59 8.66 -2.77
N VAL A 341 6.93 9.58 -3.50
CA VAL A 341 6.22 10.70 -2.87
C VAL A 341 4.71 10.42 -2.96
N GLY A 342 4.12 9.87 -1.92
CA GLY A 342 2.74 9.40 -1.96
C GLY A 342 2.68 7.95 -2.50
N LYS A 343 1.51 7.50 -2.87
CA LYS A 343 1.27 6.12 -3.19
C LYS A 343 1.99 5.72 -4.48
N GLN A 344 2.82 4.69 -4.44
CA GLN A 344 3.59 4.29 -5.65
C GLN A 344 2.76 3.44 -6.61
N VAL A 345 2.62 3.96 -7.83
CA VAL A 345 1.83 3.34 -8.94
C VAL A 345 2.77 3.15 -10.13
N VAL A 346 2.58 2.04 -10.86
CA VAL A 346 3.19 1.79 -12.18
C VAL A 346 2.10 1.78 -13.22
N VAL A 347 2.24 2.60 -14.27
CA VAL A 347 1.33 2.58 -15.41
C VAL A 347 1.82 1.58 -16.45
N VAL A 348 1.13 0.47 -16.61
CA VAL A 348 1.51 -0.56 -17.63
C VAL A 348 0.90 -0.14 -18.93
N SER A 349 -0.37 0.27 -18.87
CA SER A 349 -1.12 0.72 -20.08
C SER A 349 -2.30 1.58 -19.63
N ARG A 350 -2.54 2.71 -20.26
CA ARG A 350 -3.71 3.54 -19.88
C ARG A 350 -5.04 2.96 -20.38
N GLU A 351 -5.03 2.08 -21.40
CA GLU A 351 -6.25 1.42 -21.94
C GLU A 351 -5.91 0.00 -22.41
PA NAP B . 4.16 4.18 1.77
O1A NAP B . 3.49 4.75 0.59
O2A NAP B . 4.19 5.01 3.02
O5B NAP B . 5.66 3.88 1.33
C5B NAP B . 6.63 3.39 2.30
C4B NAP B . 7.28 4.52 3.05
O4B NAP B . 7.97 3.95 4.19
C3B NAP B . 8.40 5.27 2.30
O3B NAP B . 7.94 6.24 1.36
C2B NAP B . 9.19 5.86 3.47
O2B NAP B . 8.67 7.16 3.75
C1B NAP B . 8.93 4.89 4.63
N9A NAP B . 10.12 4.17 5.08
C8A NAP B . 10.81 3.24 4.37
N7A NAP B . 11.82 2.71 5.02
C5A NAP B . 11.78 3.36 6.25
C6A NAP B . 12.60 3.24 7.39
N6A NAP B . 13.67 2.41 7.42
N1A NAP B . 12.28 4.04 8.44
C2A NAP B . 11.18 4.80 8.38
N3A NAP B . 10.36 5.01 7.36
C4A NAP B . 10.72 4.24 6.30
O3 NAP B . 3.63 2.70 2.17
PN NAP B . 2.08 2.35 2.53
O1N NAP B . 1.40 3.56 2.98
O2N NAP B . 1.54 1.51 1.44
O5D NAP B . 2.32 1.36 3.74
C5D NAP B . 2.65 1.97 5.04
C4D NAP B . 2.80 0.89 6.09
O4D NAP B . 1.52 0.25 6.26
C3D NAP B . 3.83 -0.17 5.74
O3D NAP B . 4.56 -0.61 6.88
C2D NAP B . 2.94 -1.33 5.23
O2D NAP B . 3.55 -2.60 5.36
C1D NAP B . 1.72 -1.15 6.15
N1N NAP B . 0.48 -1.79 5.68
C2N NAP B . -0.16 -2.70 6.46
C3N NAP B . -1.36 -3.23 6.07
C7N NAP B . -2.11 -4.15 7.01
O7N NAP B . -3.07 -4.78 6.57
N7N NAP B . -1.73 -4.18 8.28
C4N NAP B . -1.84 -2.91 4.79
C5N NAP B . -1.21 -1.93 4.05
C6N NAP B . -0.04 -1.41 4.47
P2B NAP B . 9.63 8.32 4.33
O1X NAP B . 10.71 7.66 5.13
O2X NAP B . 10.17 9.03 3.13
O3X NAP B . 8.68 9.16 5.12
C1 MPD C . -8.90 -7.79 -2.35
C2 MPD C . -10.29 -7.59 -2.92
O2 MPD C . -10.86 -8.92 -2.84
CM MPD C . -10.27 -7.05 -4.36
C3 MPD C . -11.17 -6.72 -2.03
C4 MPD C . -12.61 -6.70 -2.47
O4 MPD C . -13.09 -8.04 -2.43
C5 MPD C . -13.51 -5.87 -1.63
C1 EDO D . 13.19 5.47 4.09
O1 EDO D . 12.98 6.80 3.79
C2 EDO D . 14.55 4.96 4.30
O2 EDO D . 15.61 5.96 4.37
C1 PGR E . -1.93 -6.18 2.74
C2 PGR E . -2.30 -7.64 2.72
C3 PGR E . -3.68 -7.75 2.26
O1 PGR E . -0.60 -6.04 3.20
O2 PGR E . -1.40 -8.33 1.86
NA NA F . -6.03 14.81 24.01
#